data_1QUU
#
_entry.id   1QUU
#
_cell.length_a   60.050
_cell.length_b   60.050
_cell.length_c   390.810
_cell.angle_alpha   90.00
_cell.angle_beta   90.00
_cell.angle_gamma   120.00
#
_symmetry.space_group_name_H-M   'P 65 2 2'
#
loop_
_entity.id
_entity.type
_entity.pdbx_description
1 polymer 'HUMAN SKELETAL MUSCLE ALPHA-ACTININ 2'
2 water water
#
_entity_poly.entity_id   1
_entity_poly.type   'polypeptide(L)'
_entity_poly.pdbx_seq_one_letter_code
;GSSNEIRRLERLEHLAEKFRQKASTHETWAYGKEQILLQKDYESASLTEVRALLRKHEAFESDLAAHQDRVEQIAAIAQE
LNELDYHDAVNVNDRCQKICDQWDRLGTLTQKRREALERMEKLLETIDQLHLEFAKRAAPFNNWMEGAMEDLQDMFIVHS
IEEIQSLITAHEQFKATLPEADGERQSIMAIQNEVEKVIQSYNIRISSSNPYSTVTMDELRTKWDKVKQLVPIRDQSLQE
ELARQHANER
;
_entity_poly.pdbx_strand_id   A
#
# COMPACT_ATOMS: atom_id res chain seq x y z
N GLY A 1 35.03 -39.41 45.15
CA GLY A 1 35.12 -40.31 46.33
C GLY A 1 34.45 -39.70 47.54
N SER A 2 33.49 -38.83 47.25
CA SER A 2 32.70 -38.13 48.25
C SER A 2 33.21 -36.69 48.34
N SER A 3 32.46 -35.90 49.11
CA SER A 3 32.69 -34.48 49.33
C SER A 3 33.22 -33.73 48.12
N ASN A 4 34.53 -33.80 47.91
CA ASN A 4 35.14 -33.10 46.77
C ASN A 4 34.48 -33.48 45.46
N GLU A 5 33.89 -34.67 45.41
CA GLU A 5 33.19 -35.14 44.23
C GLU A 5 31.72 -34.81 44.42
N ILE A 6 31.31 -34.69 45.67
CA ILE A 6 29.94 -34.33 45.99
C ILE A 6 29.72 -32.90 45.56
N ARG A 7 30.61 -32.01 45.98
CA ARG A 7 30.49 -30.60 45.63
C ARG A 7 30.46 -30.44 44.12
N ARG A 8 31.24 -31.27 43.47
CA ARG A 8 31.33 -31.25 42.02
C ARG A 8 30.00 -31.73 41.40
N LEU A 9 29.29 -32.62 42.09
CA LEU A 9 28.01 -33.13 41.60
C LEU A 9 26.87 -32.18 41.93
N GLU A 10 27.05 -31.39 42.99
CA GLU A 10 26.04 -30.41 43.39
C GLU A 10 26.11 -29.22 42.45
N ARG A 11 27.31 -28.92 41.96
CA ARG A 11 27.48 -27.83 40.98
C ARG A 11 26.48 -28.15 39.86
N LEU A 12 26.60 -29.33 39.26
CA LEU A 12 25.68 -29.77 38.22
C LEU A 12 24.24 -29.47 38.64
N GLU A 13 23.84 -29.87 39.84
CA GLU A 13 22.47 -29.59 40.28
C GLU A 13 22.21 -28.09 40.23
N HIS A 14 23.17 -27.33 40.72
CA HIS A 14 23.02 -25.88 40.73
C HIS A 14 22.86 -25.38 39.30
N LEU A 15 23.70 -25.88 38.40
CA LEU A 15 23.66 -25.49 36.99
C LEU A 15 22.27 -25.69 36.36
N ALA A 16 21.70 -26.88 36.53
CA ALA A 16 20.39 -27.16 36.01
C ALA A 16 19.41 -26.19 36.63
N GLU A 17 19.50 -26.00 37.95
CA GLU A 17 18.61 -25.04 38.63
C GLU A 17 18.75 -23.73 37.88
N LYS A 18 19.99 -23.40 37.50
CA LYS A 18 20.22 -22.20 36.73
C LYS A 18 19.58 -22.39 35.36
N PHE A 19 19.51 -23.62 34.91
CA PHE A 19 18.91 -23.83 33.61
C PHE A 19 17.40 -23.62 33.61
N ARG A 20 16.71 -24.16 34.63
CA ARG A 20 15.25 -24.05 34.74
C ARG A 20 14.78 -22.61 34.91
N GLN A 21 15.61 -21.78 35.52
CA GLN A 21 15.24 -20.38 35.71
C GLN A 21 15.12 -19.75 34.33
N LYS A 22 16.25 -19.67 33.64
CA LYS A 22 16.29 -19.07 32.31
C LYS A 22 15.29 -19.72 31.38
N ALA A 23 15.19 -21.04 31.36
CA ALA A 23 14.22 -21.69 30.49
C ALA A 23 12.86 -21.16 30.82
N SER A 24 12.47 -21.27 32.08
CA SER A 24 11.17 -20.80 32.52
C SER A 24 10.90 -19.41 32.00
N THR A 25 11.87 -18.53 32.18
CA THR A 25 11.76 -17.15 31.71
C THR A 25 11.42 -17.15 30.22
N HIS A 26 12.41 -17.46 29.37
CA HIS A 26 12.20 -17.50 27.91
C HIS A 26 10.85 -18.10 27.49
N GLU A 27 10.50 -19.24 28.08
CA GLU A 27 9.24 -19.87 27.73
C GLU A 27 8.05 -18.95 27.93
N THR A 28 8.01 -18.19 29.03
CA THR A 28 6.89 -17.30 29.27
C THR A 28 6.95 -16.10 28.32
N TRP A 29 8.14 -15.67 27.93
CA TRP A 29 8.25 -14.55 27.01
C TRP A 29 7.81 -14.92 25.61
N ALA A 30 7.99 -16.17 25.24
CA ALA A 30 7.60 -16.57 23.90
C ALA A 30 6.19 -17.12 23.81
N TYR A 31 5.43 -17.01 24.90
CA TYR A 31 4.08 -17.52 24.87
C TYR A 31 3.29 -16.64 23.94
N GLY A 32 2.38 -17.28 23.19
CA GLY A 32 1.51 -16.57 22.27
C GLY A 32 2.13 -15.76 21.15
N LYS A 33 3.44 -15.51 21.21
CA LYS A 33 4.09 -14.73 20.16
C LYS A 33 3.86 -15.32 18.78
N GLU A 34 3.84 -16.63 18.70
CA GLU A 34 3.61 -17.30 17.44
C GLU A 34 2.27 -16.86 16.87
N GLN A 35 1.23 -16.98 17.69
CA GLN A 35 -0.11 -16.60 17.28
C GLN A 35 -0.10 -15.14 16.87
N ILE A 36 0.57 -14.30 17.64
CA ILE A 36 0.65 -12.90 17.30
C ILE A 36 1.33 -12.72 15.95
N LEU A 37 2.27 -13.59 15.60
CA LEU A 37 2.97 -13.48 14.31
C LEU A 37 2.23 -14.14 13.13
N LEU A 38 1.32 -15.05 13.41
CA LEU A 38 0.61 -15.68 12.32
C LEU A 38 -0.71 -14.97 12.07
N GLN A 39 -0.97 -13.92 12.84
CA GLN A 39 -2.20 -13.12 12.73
C GLN A 39 -2.25 -12.38 11.39
N LYS A 40 -3.47 -12.17 10.90
CA LYS A 40 -3.69 -11.45 9.63
C LYS A 40 -4.48 -10.14 9.87
N ASP A 41 -3.79 -9.09 10.31
CA ASP A 41 -4.42 -7.80 10.62
C ASP A 41 -4.03 -6.69 9.66
N TYR A 42 -3.60 -7.06 8.48
CA TYR A 42 -3.16 -6.05 7.53
C TYR A 42 -3.81 -6.12 6.16
N GLU A 43 -4.66 -7.13 5.94
CA GLU A 43 -5.31 -7.29 4.64
C GLU A 43 -6.30 -6.17 4.32
N SER A 44 -6.84 -5.52 5.34
CA SER A 44 -7.79 -4.43 5.14
C SER A 44 -7.17 -3.08 5.46
N ALA A 45 -6.05 -3.09 6.18
CA ALA A 45 -5.33 -1.87 6.57
C ALA A 45 -5.07 -0.84 5.49
N SER A 46 -4.72 0.36 5.92
CA SER A 46 -4.43 1.48 5.01
C SER A 46 -2.92 1.71 4.88
N LEU A 47 -2.50 2.55 3.94
CA LEU A 47 -1.07 2.82 3.77
C LEU A 47 -0.50 3.28 5.09
N THR A 48 -1.30 4.07 5.79
CA THR A 48 -0.94 4.63 7.09
C THR A 48 -0.74 3.47 8.06
N GLU A 49 -1.85 2.84 8.44
CA GLU A 49 -1.83 1.71 9.36
C GLU A 49 -0.63 0.76 9.12
N VAL A 50 -0.58 0.15 7.93
CA VAL A 50 0.51 -0.77 7.61
C VAL A 50 1.82 -0.15 8.03
N ARG A 51 2.01 1.12 7.70
CA ARG A 51 3.25 1.76 8.09
C ARG A 51 3.41 1.76 9.60
N ALA A 52 2.30 1.66 10.31
CA ALA A 52 2.37 1.65 11.77
C ALA A 52 2.94 0.33 12.20
N LEU A 53 2.48 -0.70 11.49
CA LEU A 53 2.87 -2.06 11.76
C LEU A 53 4.36 -2.29 11.56
N LEU A 54 4.88 -1.97 10.39
CA LEU A 54 6.31 -2.16 10.21
C LEU A 54 7.03 -1.55 11.43
N ARG A 55 6.60 -0.37 11.86
CA ARG A 55 7.19 0.31 13.01
C ARG A 55 7.05 -0.47 14.31
N LYS A 56 5.91 -1.13 14.50
CA LYS A 56 5.77 -1.89 15.71
C LYS A 56 6.50 -3.23 15.49
N HIS A 57 6.61 -3.65 14.24
CA HIS A 57 7.28 -4.91 13.96
C HIS A 57 8.77 -4.77 14.14
N GLU A 58 9.27 -3.54 14.19
CA GLU A 58 10.70 -3.33 14.38
C GLU A 58 10.93 -3.44 15.88
N ALA A 59 9.90 -3.08 16.64
CA ALA A 59 9.99 -3.16 18.08
C ALA A 59 10.11 -4.64 18.43
N PHE A 60 9.20 -5.43 17.90
CA PHE A 60 9.20 -6.86 18.14
C PHE A 60 10.51 -7.48 17.66
N GLU A 61 11.01 -7.03 16.52
CA GLU A 61 12.27 -7.58 16.01
C GLU A 61 13.48 -7.16 16.82
N SER A 62 13.33 -6.13 17.65
CA SER A 62 14.46 -5.68 18.47
C SER A 62 14.43 -6.45 19.79
N ASP A 63 13.23 -6.76 20.27
CA ASP A 63 13.06 -7.56 21.49
C ASP A 63 13.58 -8.97 21.18
N LEU A 64 13.36 -9.39 19.94
CA LEU A 64 13.78 -10.70 19.47
C LEU A 64 15.28 -10.84 19.48
N ALA A 65 15.94 -10.04 18.65
CA ALA A 65 17.39 -10.07 18.56
C ALA A 65 18.06 -9.99 19.92
N ALA A 66 17.34 -9.55 20.92
CA ALA A 66 17.89 -9.39 22.25
C ALA A 66 17.93 -10.71 22.99
N HIS A 67 16.91 -11.52 22.79
CA HIS A 67 16.81 -12.79 23.47
C HIS A 67 17.65 -13.91 22.83
N GLN A 68 18.21 -13.65 21.67
CA GLN A 68 19.07 -14.61 20.98
C GLN A 68 20.13 -15.08 21.98
N ASP A 69 20.58 -14.15 22.81
CA ASP A 69 21.59 -14.41 23.82
C ASP A 69 21.05 -15.40 24.88
N ARG A 70 19.89 -15.11 25.44
CA ARG A 70 19.27 -15.99 26.43
C ARG A 70 19.18 -17.40 25.86
N VAL A 71 18.86 -17.49 24.56
CA VAL A 71 18.72 -18.80 23.94
C VAL A 71 20.06 -19.51 23.86
N GLU A 72 21.13 -18.81 23.49
CA GLU A 72 22.43 -19.47 23.44
C GLU A 72 22.91 -19.87 24.84
N GLN A 73 22.56 -19.07 25.85
CA GLN A 73 22.97 -19.42 27.21
C GLN A 73 22.30 -20.72 27.58
N ILE A 74 20.97 -20.75 27.42
CA ILE A 74 20.18 -21.94 27.71
C ILE A 74 20.79 -23.17 27.06
N ALA A 75 21.14 -23.04 25.80
CA ALA A 75 21.75 -24.12 25.02
C ALA A 75 23.10 -24.56 25.57
N ALA A 76 23.88 -23.57 26.01
CA ALA A 76 25.21 -23.84 26.54
C ALA A 76 25.14 -24.68 27.80
N ILE A 77 24.25 -24.28 28.71
CA ILE A 77 24.10 -24.99 29.96
C ILE A 77 23.60 -26.45 29.74
N ALA A 78 22.63 -26.62 28.84
CA ALA A 78 22.12 -27.96 28.54
C ALA A 78 23.25 -28.73 27.88
N GLN A 79 24.10 -28.03 27.18
CA GLN A 79 25.22 -28.69 26.55
C GLN A 79 26.20 -29.18 27.60
N GLU A 80 26.51 -28.34 28.58
CA GLU A 80 27.45 -28.76 29.62
C GLU A 80 26.88 -29.94 30.39
N LEU A 81 25.67 -29.76 30.92
CA LEU A 81 25.01 -30.82 31.66
C LEU A 81 24.98 -32.16 30.89
N ASN A 82 24.98 -32.13 29.57
CA ASN A 82 24.98 -33.39 28.79
C ASN A 82 26.35 -33.98 28.85
N GLU A 83 27.36 -33.13 28.69
CA GLU A 83 28.75 -33.57 28.68
C GLU A 83 29.26 -33.98 30.05
N LEU A 84 28.72 -33.38 31.10
CA LEU A 84 29.15 -33.79 32.43
C LEU A 84 28.26 -34.91 32.92
N ASP A 85 27.43 -35.43 32.02
CA ASP A 85 26.52 -36.53 32.30
C ASP A 85 25.54 -36.29 33.43
N TYR A 86 25.02 -35.07 33.53
CA TYR A 86 24.04 -34.79 34.55
C TYR A 86 23.09 -35.98 34.48
N HIS A 87 22.49 -36.37 35.60
CA HIS A 87 21.60 -37.52 35.64
C HIS A 87 20.20 -37.30 35.01
N ASP A 88 19.81 -36.03 34.88
CA ASP A 88 18.49 -35.67 34.32
C ASP A 88 18.74 -34.93 33.00
N ALA A 89 19.81 -35.30 32.30
CA ALA A 89 20.16 -34.60 31.08
C ALA A 89 19.25 -34.73 29.90
N VAL A 90 18.66 -35.90 29.72
CA VAL A 90 17.75 -36.11 28.60
C VAL A 90 16.61 -35.11 28.72
N ASN A 91 16.14 -34.93 29.94
CA ASN A 91 15.06 -33.99 30.23
C ASN A 91 15.47 -32.55 29.91
N VAL A 92 16.57 -32.06 30.51
CA VAL A 92 16.96 -30.68 30.20
C VAL A 92 17.28 -30.53 28.75
N ASN A 93 17.90 -31.56 28.16
CA ASN A 93 18.22 -31.47 26.73
C ASN A 93 16.93 -31.28 25.90
N ASP A 94 15.89 -32.06 26.27
CA ASP A 94 14.60 -31.99 25.61
C ASP A 94 13.91 -30.65 25.77
N ARG A 95 14.03 -30.04 26.95
CA ARG A 95 13.43 -28.75 27.16
C ARG A 95 14.26 -27.77 26.28
N CYS A 96 15.57 -27.84 26.38
CA CYS A 96 16.37 -26.92 25.54
C CYS A 96 16.04 -27.07 24.05
N GLN A 97 15.93 -28.31 23.57
CA GLN A 97 15.60 -28.55 22.17
C GLN A 97 14.26 -28.00 21.71
N LYS A 98 13.24 -28.15 22.57
CA LYS A 98 11.91 -27.67 22.27
C LYS A 98 11.97 -26.12 22.22
N ILE A 99 12.87 -25.52 22.99
CA ILE A 99 13.04 -24.07 22.98
C ILE A 99 13.76 -23.60 21.71
N CYS A 100 14.85 -24.26 21.40
CA CYS A 100 15.61 -23.91 20.21
C CYS A 100 14.80 -24.12 18.96
N ASP A 101 14.00 -25.17 18.92
CA ASP A 101 13.16 -25.43 17.74
C ASP A 101 12.18 -24.28 17.56
N GLN A 102 11.60 -23.84 18.67
CA GLN A 102 10.66 -22.73 18.63
C GLN A 102 11.39 -21.48 18.16
N TRP A 103 12.59 -21.29 18.67
CA TRP A 103 13.32 -20.11 18.24
C TRP A 103 13.39 -20.09 16.71
N ASP A 104 13.85 -21.17 16.11
CA ASP A 104 13.94 -21.14 14.65
C ASP A 104 12.65 -20.79 13.95
N ARG A 105 11.51 -21.24 14.47
CA ARG A 105 10.24 -20.87 13.83
C ARG A 105 9.88 -19.40 14.01
N LEU A 106 10.12 -18.86 15.22
CA LEU A 106 9.84 -17.45 15.47
C LEU A 106 10.62 -16.69 14.39
N GLY A 107 11.84 -17.17 14.14
CA GLY A 107 12.65 -16.57 13.10
C GLY A 107 11.88 -16.56 11.81
N THR A 108 11.46 -17.73 11.36
CA THR A 108 10.72 -17.82 10.10
C THR A 108 9.52 -16.92 10.13
N LEU A 109 8.58 -17.19 11.04
CA LEU A 109 7.39 -16.39 11.12
C LEU A 109 7.70 -14.89 11.07
N THR A 110 8.61 -14.45 11.92
CA THR A 110 8.94 -13.05 11.95
C THR A 110 9.34 -12.52 10.60
N GLN A 111 10.26 -13.21 9.91
CA GLN A 111 10.69 -12.74 8.61
C GLN A 111 9.52 -12.74 7.66
N LYS A 112 8.58 -13.63 7.92
CA LYS A 112 7.40 -13.77 7.07
C LYS A 112 6.45 -12.60 7.23
N ARG A 113 6.19 -12.21 8.48
CA ARG A 113 5.29 -11.07 8.75
C ARG A 113 5.86 -9.80 8.13
N ARG A 114 7.18 -9.63 8.21
CA ARG A 114 7.80 -8.46 7.62
C ARG A 114 7.61 -8.42 6.13
N GLU A 115 7.73 -9.57 5.47
CA GLU A 115 7.56 -9.62 4.02
C GLU A 115 6.11 -9.36 3.64
N ALA A 116 5.17 -9.91 4.39
CA ALA A 116 3.78 -9.65 4.05
C ALA A 116 3.50 -8.15 4.21
N LEU A 117 4.11 -7.52 5.21
CA LEU A 117 3.95 -6.07 5.44
C LEU A 117 4.63 -5.19 4.40
N GLU A 118 5.85 -5.55 4.04
CA GLU A 118 6.60 -4.76 3.07
C GLU A 118 5.96 -4.81 1.71
N ARG A 119 5.18 -5.85 1.46
CA ARG A 119 4.54 -5.94 0.17
C ARG A 119 3.14 -5.30 0.22
N MET A 120 2.51 -5.32 1.39
CA MET A 120 1.20 -4.69 1.52
C MET A 120 1.41 -3.19 1.47
N GLU A 121 2.58 -2.75 1.93
CA GLU A 121 2.88 -1.34 1.93
C GLU A 121 3.07 -0.88 0.50
N LYS A 122 3.72 -1.70 -0.30
CA LYS A 122 3.95 -1.38 -1.72
C LYS A 122 2.64 -1.37 -2.51
N LEU A 123 1.73 -2.27 -2.20
CA LEU A 123 0.50 -2.28 -2.95
C LEU A 123 -0.17 -1.00 -2.54
N LEU A 124 -0.37 -0.85 -1.24
CA LEU A 124 -1.01 0.34 -0.77
C LEU A 124 -0.36 1.61 -1.26
N GLU A 125 0.96 1.69 -1.18
CA GLU A 125 1.66 2.87 -1.66
C GLU A 125 1.32 3.07 -3.12
N THR A 126 1.62 2.06 -3.94
CA THR A 126 1.34 2.07 -5.37
C THR A 126 -0.03 2.63 -5.70
N ILE A 127 -1.06 2.03 -5.11
CA ILE A 127 -2.43 2.48 -5.31
C ILE A 127 -2.53 3.99 -5.10
N ASP A 128 -2.02 4.42 -3.96
CA ASP A 128 -2.01 5.83 -3.62
C ASP A 128 -1.40 6.65 -4.76
N GLN A 129 -0.18 6.33 -5.14
CA GLN A 129 0.52 7.07 -6.18
C GLN A 129 -0.27 7.12 -7.49
N LEU A 130 -1.12 6.13 -7.72
CA LEU A 130 -1.95 6.15 -8.93
C LEU A 130 -3.05 7.21 -8.75
N HIS A 131 -3.85 7.03 -7.70
CA HIS A 131 -4.93 7.93 -7.30
C HIS A 131 -4.50 9.41 -7.40
N LEU A 132 -3.35 9.71 -6.81
CA LEU A 132 -2.84 11.06 -6.80
C LEU A 132 -2.80 11.51 -8.24
N GLU A 133 -2.11 10.74 -9.07
CA GLU A 133 -2.01 11.11 -10.48
C GLU A 133 -3.38 11.36 -11.04
N PHE A 134 -4.19 10.33 -11.13
CA PHE A 134 -5.51 10.56 -11.66
C PHE A 134 -6.06 11.92 -11.31
N ALA A 135 -6.11 12.24 -10.04
CA ALA A 135 -6.63 13.55 -9.60
C ALA A 135 -5.80 14.73 -10.11
N LYS A 136 -4.47 14.60 -10.09
CA LYS A 136 -3.60 15.68 -10.55
C LYS A 136 -3.93 16.11 -11.95
N ARG A 137 -3.99 15.14 -12.87
CA ARG A 137 -4.30 15.41 -14.25
C ARG A 137 -5.80 15.52 -14.50
N ALA A 138 -6.61 14.96 -13.61
CA ALA A 138 -8.05 15.02 -13.81
C ALA A 138 -8.66 16.36 -13.46
N ALA A 139 -7.94 17.19 -12.71
CA ALA A 139 -8.47 18.50 -12.33
C ALA A 139 -8.36 19.46 -13.51
N PRO A 140 -7.16 19.60 -14.07
CA PRO A 140 -7.06 20.52 -15.21
C PRO A 140 -8.07 20.12 -16.27
N PHE A 141 -8.22 18.81 -16.49
CA PHE A 141 -9.13 18.32 -17.52
C PHE A 141 -10.53 18.81 -17.26
N ASN A 142 -11.04 18.57 -16.05
CA ASN A 142 -12.38 19.00 -15.68
C ASN A 142 -12.51 20.48 -16.07
N ASN A 143 -11.46 21.25 -15.78
CA ASN A 143 -11.47 22.66 -16.09
C ASN A 143 -11.76 22.88 -17.57
N TRP A 144 -10.79 22.50 -18.40
CA TRP A 144 -10.88 22.66 -19.85
C TRP A 144 -12.26 22.30 -20.38
N MET A 145 -12.83 21.22 -19.89
CA MET A 145 -14.13 20.82 -20.36
C MET A 145 -15.23 21.76 -19.93
N GLU A 146 -15.02 22.47 -18.83
CA GLU A 146 -16.03 23.43 -18.37
C GLU A 146 -15.74 24.71 -19.17
N GLY A 147 -14.45 25.00 -19.33
CA GLY A 147 -14.03 26.17 -20.07
C GLY A 147 -14.33 26.04 -21.54
N ALA A 148 -14.88 24.89 -21.92
CA ALA A 148 -15.23 24.68 -23.30
C ALA A 148 -16.74 24.53 -23.43
N MET A 149 -17.37 23.92 -22.43
CA MET A 149 -18.81 23.79 -22.50
C MET A 149 -19.46 25.16 -22.46
N GLU A 150 -18.95 26.03 -21.59
CA GLU A 150 -19.49 27.36 -21.50
C GLU A 150 -19.12 28.19 -22.74
N ASP A 151 -17.94 27.96 -23.30
CA ASP A 151 -17.52 28.71 -24.47
C ASP A 151 -18.33 28.36 -25.73
N LEU A 152 -18.44 27.07 -26.02
CA LEU A 152 -19.18 26.61 -27.18
C LEU A 152 -20.67 26.95 -27.07
N GLN A 153 -21.12 27.44 -25.91
CA GLN A 153 -22.52 27.81 -25.76
C GLN A 153 -22.65 29.30 -25.45
N ASP A 154 -21.62 30.08 -25.78
CA ASP A 154 -21.65 31.50 -25.51
C ASP A 154 -22.21 32.33 -26.64
N MET A 155 -23.34 32.97 -26.36
CA MET A 155 -24.04 33.84 -27.30
C MET A 155 -23.04 34.81 -27.92
N PHE A 156 -23.07 34.92 -29.24
CA PHE A 156 -22.15 35.84 -29.91
C PHE A 156 -22.94 37.06 -30.36
N ILE A 157 -22.23 38.16 -30.55
CA ILE A 157 -22.85 39.40 -31.00
C ILE A 157 -21.95 40.04 -32.04
N VAL A 158 -22.30 39.83 -33.30
CA VAL A 158 -21.56 40.36 -34.43
C VAL A 158 -22.49 41.13 -35.37
N HIS A 159 -22.01 42.21 -35.96
CA HIS A 159 -22.82 43.01 -36.89
C HIS A 159 -22.07 43.33 -38.18
N SER A 160 -20.92 42.68 -38.37
CA SER A 160 -20.08 42.86 -39.55
C SER A 160 -19.70 41.51 -40.14
N ILE A 161 -19.15 41.51 -41.35
CA ILE A 161 -18.73 40.28 -42.00
C ILE A 161 -17.38 39.85 -41.45
N GLU A 162 -16.72 40.74 -40.72
CA GLU A 162 -15.41 40.41 -40.19
C GLU A 162 -15.38 39.92 -38.76
N GLU A 163 -16.30 40.38 -37.92
CA GLU A 163 -16.29 39.93 -36.54
C GLU A 163 -16.62 38.46 -36.50
N ILE A 164 -17.70 38.09 -37.18
CA ILE A 164 -18.17 36.73 -37.24
C ILE A 164 -17.16 35.85 -37.98
N GLN A 165 -16.14 36.50 -38.55
CA GLN A 165 -15.10 35.79 -39.31
C GLN A 165 -13.78 35.63 -38.54
N SER A 166 -13.84 35.85 -37.23
CA SER A 166 -12.65 35.71 -36.40
C SER A 166 -13.02 34.61 -35.42
N LEU A 167 -14.31 34.56 -35.13
CA LEU A 167 -14.87 33.59 -34.23
C LEU A 167 -14.76 32.26 -34.91
N ILE A 168 -15.35 32.20 -36.11
CA ILE A 168 -15.33 30.98 -36.91
C ILE A 168 -13.88 30.48 -36.93
N THR A 169 -12.95 31.42 -36.79
CA THR A 169 -11.55 31.09 -36.78
C THR A 169 -11.10 30.57 -35.41
N ALA A 170 -11.13 31.45 -34.42
CA ALA A 170 -10.73 31.06 -33.07
C ALA A 170 -11.33 29.70 -32.77
N HIS A 171 -12.59 29.51 -33.15
CA HIS A 171 -13.30 28.25 -32.92
C HIS A 171 -12.78 27.14 -33.79
N GLU A 172 -12.08 27.48 -34.86
CA GLU A 172 -11.53 26.46 -35.72
C GLU A 172 -10.19 26.02 -35.14
N GLN A 173 -9.52 26.93 -34.43
CA GLN A 173 -8.23 26.63 -33.81
C GLN A 173 -8.43 25.74 -32.57
N PHE A 174 -9.61 25.84 -31.96
CA PHE A 174 -9.97 25.06 -30.77
C PHE A 174 -10.23 23.58 -31.08
N LYS A 175 -10.85 23.33 -32.23
CA LYS A 175 -11.14 21.95 -32.65
C LYS A 175 -9.86 21.13 -32.79
N ALA A 176 -8.81 21.74 -33.34
CA ALA A 176 -7.53 21.05 -33.50
C ALA A 176 -7.04 20.53 -32.15
N THR A 177 -7.76 20.87 -31.11
CA THR A 177 -7.40 20.44 -29.79
C THR A 177 -8.19 19.19 -29.44
N LEU A 178 -9.47 19.18 -29.83
CA LEU A 178 -10.36 18.04 -29.56
C LEU A 178 -9.66 16.69 -29.62
N PRO A 179 -8.83 16.48 -30.64
CA PRO A 179 -8.15 15.19 -30.72
C PRO A 179 -7.13 15.07 -29.58
N GLU A 180 -6.05 15.86 -29.66
CA GLU A 180 -5.00 15.85 -28.64
C GLU A 180 -5.59 15.78 -27.26
N ALA A 181 -6.54 16.68 -26.99
CA ALA A 181 -7.21 16.70 -25.71
C ALA A 181 -7.84 15.33 -25.44
N ASP A 182 -8.34 14.68 -26.49
CA ASP A 182 -8.93 13.36 -26.32
C ASP A 182 -7.81 12.36 -26.06
N GLY A 183 -6.58 12.78 -26.34
CA GLY A 183 -5.44 11.92 -26.09
C GLY A 183 -5.32 11.85 -24.59
N GLU A 184 -5.37 13.02 -23.95
CA GLU A 184 -5.29 13.16 -22.50
C GLU A 184 -6.44 12.45 -21.86
N ARG A 185 -7.62 12.68 -22.41
CA ARG A 185 -8.81 12.03 -21.89
C ARG A 185 -8.70 10.50 -21.94
N GLN A 186 -7.84 9.99 -22.82
CA GLN A 186 -7.64 8.56 -22.91
C GLN A 186 -6.78 8.19 -21.72
N SER A 187 -5.66 8.88 -21.58
CA SER A 187 -4.74 8.64 -20.47
C SER A 187 -5.46 8.60 -19.12
N ILE A 188 -6.05 9.71 -18.71
CA ILE A 188 -6.75 9.75 -17.44
C ILE A 188 -7.53 8.46 -17.24
N MET A 189 -8.22 8.02 -18.29
CA MET A 189 -9.02 6.79 -18.25
C MET A 189 -8.10 5.65 -17.89
N ALA A 190 -6.97 5.57 -18.59
CA ALA A 190 -5.97 4.57 -18.33
C ALA A 190 -5.59 4.55 -16.84
N ILE A 191 -5.00 5.65 -16.34
CA ILE A 191 -4.58 5.72 -14.93
C ILE A 191 -5.65 5.17 -14.04
N GLN A 192 -6.89 5.43 -14.43
CA GLN A 192 -8.02 4.95 -13.66
C GLN A 192 -8.11 3.43 -13.68
N ASN A 193 -7.58 2.81 -14.73
CA ASN A 193 -7.61 1.34 -14.85
C ASN A 193 -6.50 0.75 -13.99
N GLU A 194 -5.28 1.24 -14.23
CA GLU A 194 -4.12 0.79 -13.49
C GLU A 194 -4.45 0.70 -11.99
N VAL A 195 -5.32 1.59 -11.48
CA VAL A 195 -5.68 1.56 -10.06
C VAL A 195 -6.67 0.42 -9.79
N GLU A 196 -7.88 0.55 -10.32
CA GLU A 196 -8.88 -0.48 -10.08
C GLU A 196 -8.31 -1.87 -10.33
N LYS A 197 -7.28 -1.95 -11.17
CA LYS A 197 -6.65 -3.24 -11.46
C LYS A 197 -5.77 -3.70 -10.30
N VAL A 198 -4.83 -2.87 -9.89
CA VAL A 198 -3.95 -3.22 -8.77
C VAL A 198 -4.80 -3.52 -7.55
N ILE A 199 -5.81 -2.70 -7.31
CA ILE A 199 -6.66 -2.94 -6.16
C ILE A 199 -7.22 -4.34 -6.29
N GLN A 200 -7.79 -4.61 -7.46
CA GLN A 200 -8.39 -5.89 -7.81
C GLN A 200 -7.41 -7.06 -7.73
N SER A 201 -6.12 -6.77 -7.79
CA SER A 201 -5.15 -7.85 -7.69
C SER A 201 -5.25 -8.53 -6.33
N TYR A 202 -4.95 -7.80 -5.25
CA TYR A 202 -5.00 -8.38 -3.90
C TYR A 202 -6.44 -8.52 -3.43
N ASN A 203 -6.77 -7.83 -2.34
CA ASN A 203 -8.11 -7.86 -1.79
C ASN A 203 -9.04 -6.98 -2.60
N ILE A 204 -10.12 -7.57 -3.12
CA ILE A 204 -11.09 -6.84 -3.94
C ILE A 204 -12.19 -6.15 -3.12
N ARG A 205 -12.08 -6.19 -1.79
CA ARG A 205 -13.08 -5.56 -0.93
C ARG A 205 -12.77 -4.11 -0.57
N ILE A 206 -11.60 -3.63 -0.99
CA ILE A 206 -11.20 -2.25 -0.72
C ILE A 206 -11.96 -1.32 -1.66
N SER A 207 -12.04 -0.05 -1.28
CA SER A 207 -12.75 0.96 -2.08
C SER A 207 -11.90 1.49 -3.21
N SER A 208 -12.55 1.96 -4.26
CA SER A 208 -11.86 2.48 -5.42
C SER A 208 -11.93 4.01 -5.49
N SER A 209 -13.05 4.60 -5.07
CA SER A 209 -13.24 6.05 -5.09
C SER A 209 -11.96 6.76 -4.65
N ASN A 210 -11.58 7.80 -5.39
CA ASN A 210 -10.37 8.54 -5.09
C ASN A 210 -10.58 9.61 -4.01
N PRO A 211 -9.86 9.50 -2.89
CA PRO A 211 -9.94 10.43 -1.77
C PRO A 211 -9.26 11.76 -2.04
N TYR A 212 -8.57 11.84 -3.16
CA TYR A 212 -7.85 13.04 -3.53
C TYR A 212 -8.63 13.82 -4.59
N SER A 213 -9.59 13.17 -5.25
CA SER A 213 -10.38 13.83 -6.31
C SER A 213 -11.88 13.63 -6.15
N THR A 214 -12.67 14.68 -6.37
CA THR A 214 -14.12 14.56 -6.24
C THR A 214 -14.66 14.27 -7.60
N VAL A 215 -14.00 14.80 -8.63
CA VAL A 215 -14.46 14.53 -9.97
C VAL A 215 -14.16 13.09 -10.18
N THR A 216 -15.19 12.28 -10.43
CA THR A 216 -14.96 10.87 -10.68
C THR A 216 -14.68 10.76 -12.18
N MET A 217 -14.32 9.57 -12.62
CA MET A 217 -14.03 9.34 -14.02
C MET A 217 -15.34 9.18 -14.81
N ASP A 218 -16.39 8.70 -14.14
CA ASP A 218 -17.69 8.55 -14.79
C ASP A 218 -18.14 9.93 -15.25
N GLU A 219 -18.37 10.81 -14.28
CA GLU A 219 -18.80 12.17 -14.55
C GLU A 219 -17.80 12.94 -15.42
N LEU A 220 -16.57 12.42 -15.49
CA LEU A 220 -15.55 13.07 -16.29
C LEU A 220 -15.76 12.73 -17.76
N ARG A 221 -16.47 11.64 -18.01
CA ARG A 221 -16.73 11.24 -19.40
C ARG A 221 -17.98 11.98 -19.84
N THR A 222 -18.98 12.01 -18.97
CA THR A 222 -20.23 12.71 -19.23
C THR A 222 -19.95 14.08 -19.81
N LYS A 223 -19.05 14.81 -19.15
CA LYS A 223 -18.69 16.14 -19.61
C LYS A 223 -18.10 16.09 -21.00
N TRP A 224 -17.18 15.16 -21.25
CA TRP A 224 -16.57 15.08 -22.56
C TRP A 224 -17.58 14.86 -23.69
N ASP A 225 -18.65 14.14 -23.39
CA ASP A 225 -19.71 13.87 -24.38
C ASP A 225 -20.40 15.17 -24.73
N LYS A 226 -20.74 15.98 -23.73
CA LYS A 226 -21.39 17.27 -23.99
C LYS A 226 -20.44 18.13 -24.81
N VAL A 227 -19.17 18.14 -24.43
CA VAL A 227 -18.19 18.89 -25.19
C VAL A 227 -18.24 18.46 -26.65
N LYS A 228 -18.33 17.15 -26.89
CA LYS A 228 -18.38 16.59 -28.23
C LYS A 228 -19.68 16.95 -28.95
N GLN A 229 -20.80 16.88 -28.21
CA GLN A 229 -22.13 17.19 -28.73
C GLN A 229 -22.38 18.68 -28.97
N LEU A 230 -21.58 19.55 -28.38
CA LEU A 230 -21.78 20.97 -28.61
C LEU A 230 -21.05 21.38 -29.87
N VAL A 231 -19.82 20.91 -30.03
CA VAL A 231 -19.03 21.25 -31.20
C VAL A 231 -19.89 21.43 -32.47
N PRO A 232 -20.81 20.49 -32.74
CA PRO A 232 -21.67 20.57 -33.93
C PRO A 232 -22.73 21.67 -33.88
N ILE A 233 -23.40 21.80 -32.74
CA ILE A 233 -24.44 22.82 -32.59
C ILE A 233 -23.88 24.22 -32.78
N ARG A 234 -22.60 24.38 -32.46
CA ARG A 234 -21.90 25.67 -32.62
C ARG A 234 -21.75 25.92 -34.10
N ASP A 235 -21.08 24.98 -34.79
CA ASP A 235 -20.86 25.06 -36.25
C ASP A 235 -22.05 25.69 -36.96
N GLN A 236 -23.21 25.08 -36.75
CA GLN A 236 -24.47 25.53 -37.33
C GLN A 236 -24.61 27.03 -37.12
N SER A 237 -24.82 27.41 -35.86
CA SER A 237 -24.99 28.81 -35.47
C SER A 237 -23.94 29.73 -36.08
N LEU A 238 -22.68 29.31 -36.06
CA LEU A 238 -21.65 30.17 -36.63
C LEU A 238 -21.78 30.21 -38.15
N GLN A 239 -22.30 29.15 -38.75
CA GLN A 239 -22.49 29.12 -40.20
C GLN A 239 -23.56 30.16 -40.49
N GLU A 240 -24.73 29.90 -39.93
CA GLU A 240 -25.89 30.76 -40.07
C GLU A 240 -25.61 32.25 -39.85
N GLU A 241 -24.60 32.58 -39.07
CA GLU A 241 -24.25 33.99 -38.83
C GLU A 241 -23.55 34.54 -40.05
N LEU A 242 -22.69 33.73 -40.63
CA LEU A 242 -21.97 34.13 -41.82
C LEU A 242 -23.02 34.32 -42.90
N ALA A 243 -24.02 33.44 -42.90
CA ALA A 243 -25.10 33.49 -43.87
C ALA A 243 -26.07 34.64 -43.56
N ARG A 244 -25.51 35.74 -43.05
CA ARG A 244 -26.30 36.92 -42.70
C ARG A 244 -25.40 38.14 -42.76
N GLN A 245 -24.09 37.92 -42.70
CA GLN A 245 -23.12 39.01 -42.77
C GLN A 245 -22.76 39.21 -44.24
N HIS A 246 -22.85 38.12 -45.00
CA HIS A 246 -22.59 38.20 -46.42
C HIS A 246 -23.96 38.27 -47.05
N ALA A 247 -24.98 38.26 -46.20
CA ALA A 247 -26.36 38.34 -46.65
C ALA A 247 -26.92 39.75 -46.44
N ASN A 248 -26.05 40.66 -46.00
CA ASN A 248 -26.41 42.06 -45.76
C ASN A 248 -25.20 43.00 -45.87
#